data_8DAM
#
_entry.id   8DAM
#
_cell.length_a   80.358
_cell.length_b   81.072
_cell.length_c   93.332
_cell.angle_alpha   90.000
_cell.angle_beta   90.000
_cell.angle_gamma   90.000
#
_symmetry.space_group_name_H-M   'P 21 21 21'
#
loop_
_entity.id
_entity.type
_entity.pdbx_description
1 polymer 'Voltage-dependent L-type calcium channel subunit beta-1'
2 polymer 'nanobody F3'
3 polymer 'Nanobody E8'
4 non-polymer 'SULFATE ION'
5 non-polymer (4S)-2-METHYL-2,4-PENTANEDIOL
6 water water
#
loop_
_entity_poly.entity_id
_entity_poly.type
_entity_poly.pdbx_seq_one_letter_code
_entity_poly.pdbx_strand_id
1 'polypeptide(L)'
;GSAESYTSRPSDSDVSLEEDREALRKEAERQALAQLEKAKTKPVAFAVRTNVGYNPSPGDEVPVQGVAITFEPKDFLHIK
EKYNNDWWIGRLVKEGCEVGFIPSPVKLDSLRLLQEQTLRQNRLSSSKSGDNSSSSLGDVVTGTRRPTPPASAKQKQKST
EHVPPYDVVPSMRPIILVGPSLKGYEVTDMMQKALFDFLKHRFDGRISITRVTADISLAKRSVLNNPSKHIIIERSNTRS
SLAEVQSEIERIFELARTLQLVALDADTINHPAQLSKTSLAPIIVYIKITSPKVLQRLIKSRGKSQSKHLNVQIAASEKL
AQCPPEMFDIILDENQLEDACEHLAEYLEAYWKATHPPSSTPPNPLLNRT
;
A
2 'polypeptide(L)'
;GQVQLQESGGGLVQAGGSLRLSCVASGRTFSSYA(MSE)GWFRQAPGKEREFVAAIDWSGGTASHADSVKGRFTISRDNA
KNTVYLQ(MSE)NSLKPEDTAVYYCAASSYWSRSVDEYDYWGQGTQVTVSS
;
B
3 'polypeptide(L)'
;GQVQLQESGGGSVQAGGSLRLSCAASGRTFSKNAMGWFRQAPGKEREFVVAISWSGRNTYYADSVKGRFTISRDNAKNTV
DLQMNSLKPEDSAVYYCAVGGDWRVYDISFYYTAHQYEYWGQGTQVTVSS
;
C
#
loop_
_chem_comp.id
_chem_comp.type
_chem_comp.name
_chem_comp.formula
MPD non-polymer (4S)-2-METHYL-2,4-PENTANEDIOL 'C6 H14 O2'
SO4 non-polymer 'SULFATE ION' 'O4 S -2'
#
# COMPACT_ATOMS: atom_id res chain seq x y z
N SER A 13 4.35 18.57 45.66
CA SER A 13 3.50 17.62 44.95
C SER A 13 3.99 17.41 43.54
N ASP A 14 4.42 18.51 42.90
CA ASP A 14 4.93 18.41 41.53
C ASP A 14 6.12 17.47 41.45
N VAL A 15 6.96 17.45 42.49
CA VAL A 15 8.11 16.54 42.50
C VAL A 15 7.66 15.12 42.82
N SER A 16 6.75 14.96 43.77
CA SER A 16 6.34 13.62 44.20
C SER A 16 5.59 12.88 43.11
N LEU A 17 4.71 13.58 42.37
CA LEU A 17 3.97 12.92 41.30
C LEU A 17 4.87 12.59 40.12
N GLU A 18 5.85 13.45 39.83
CA GLU A 18 6.80 13.14 38.76
C GLU A 18 7.62 11.90 39.09
N GLU A 19 7.84 11.61 40.37
CA GLU A 19 8.53 10.39 40.74
C GLU A 19 7.63 9.18 40.58
N ASP A 20 6.36 9.30 40.97
CA ASP A 20 5.43 8.19 40.82
C ASP A 20 5.14 7.90 39.36
N ARG A 21 5.05 8.95 38.53
CA ARG A 21 4.81 8.75 37.11
C ARG A 21 6.03 8.17 36.40
N GLU A 22 7.23 8.54 36.84
CA GLU A 22 8.44 7.99 36.23
C GLU A 22 8.54 6.50 36.49
N ALA A 23 8.23 6.07 37.73
CA ALA A 23 8.24 4.64 38.04
C ALA A 23 7.17 3.90 37.26
N LEU A 24 6.00 4.52 37.08
CA LEU A 24 4.93 3.88 36.31
C LEU A 24 5.30 3.81 34.83
N ARG A 25 5.88 4.89 34.29
CA ARG A 25 6.31 4.87 32.89
C ARG A 25 7.43 3.86 32.68
N LYS A 26 8.34 3.73 33.66
CA LYS A 26 9.42 2.77 33.54
C LYS A 26 8.90 1.33 33.53
N GLU A 27 7.90 1.04 34.36
CA GLU A 27 7.33 -0.30 34.38
C GLU A 27 6.54 -0.58 33.10
N ALA A 28 5.81 0.42 32.61
CA ALA A 28 5.05 0.23 31.37
C ALA A 28 5.97 -0.07 30.20
N GLU A 29 7.15 0.56 30.16
CA GLU A 29 8.09 0.32 29.07
C GLU A 29 8.65 -1.09 29.15
N ARG A 30 8.91 -1.59 30.37
CA ARG A 30 9.43 -2.95 30.53
C ARG A 30 8.43 -3.99 30.04
N GLN A 31 7.15 -3.80 30.38
CA GLN A 31 6.12 -4.74 29.93
C GLN A 31 5.87 -4.59 28.44
N ALA A 32 5.91 -3.36 27.93
CA ALA A 32 5.76 -3.16 26.49
C ALA A 32 6.89 -3.82 25.72
N LEU A 33 8.11 -3.74 26.26
CA LEU A 33 9.24 -4.42 25.63
C LEU A 33 9.06 -5.94 25.66
N ALA A 34 8.60 -6.47 26.78
CA ALA A 34 8.36 -7.91 26.88
C ALA A 34 7.27 -8.36 25.90
N GLN A 35 6.24 -7.53 25.73
CA GLN A 35 5.20 -7.86 24.76
C GLN A 35 5.76 -7.86 23.34
N LEU A 36 6.75 -7.00 23.07
CA LEU A 36 7.34 -6.94 21.75
C LEU A 36 8.13 -8.21 21.43
N GLU A 37 8.86 -8.75 22.41
CA GLU A 37 9.61 -9.98 22.18
C GLU A 37 8.69 -11.16 21.90
N LYS A 38 7.54 -11.21 22.58
CA LYS A 38 6.57 -12.27 22.34
C LYS A 38 6.03 -12.21 20.92
N ALA A 39 5.94 -11.01 20.34
CA ALA A 39 5.34 -10.85 19.03
C ALA A 39 6.25 -11.24 17.88
N LYS A 40 7.53 -11.50 18.17
CA LYS A 40 8.47 -11.87 17.10
C LYS A 40 8.05 -13.14 16.40
N THR A 41 7.53 -14.12 17.15
CA THR A 41 7.16 -15.41 16.61
C THR A 41 5.66 -15.57 16.41
N LYS A 42 4.88 -14.52 16.63
CA LYS A 42 3.44 -14.62 16.43
C LYS A 42 3.09 -14.55 14.95
N PRO A 43 1.97 -15.15 14.55
CA PRO A 43 1.55 -15.06 13.15
C PRO A 43 1.18 -13.63 12.78
N VAL A 44 1.24 -13.36 11.47
CA VAL A 44 0.85 -12.05 10.96
C VAL A 44 -0.68 -11.99 10.93
N ALA A 45 -1.24 -11.00 11.62
CA ALA A 45 -2.70 -10.86 11.65
C ALA A 45 -3.21 -10.32 10.31
N PHE A 46 -2.60 -9.25 9.83
CA PHE A 46 -2.97 -8.68 8.53
C PHE A 46 -1.82 -7.83 8.05
N ALA A 47 -1.94 -7.39 6.79
CA ALA A 47 -0.93 -6.54 6.16
C ALA A 47 -1.58 -5.25 5.66
N VAL A 48 -0.79 -4.18 5.62
CA VAL A 48 -1.25 -2.91 5.08
C VAL A 48 -0.22 -2.39 4.10
N ARG A 49 -0.70 -1.70 3.06
CA ARG A 49 0.14 -0.89 2.20
C ARG A 49 -0.08 0.57 2.59
N THR A 50 1.01 1.30 2.82
CA THR A 50 0.92 2.66 3.33
C THR A 50 0.76 3.64 2.18
N ASN A 51 0.01 4.72 2.44
CA ASN A 51 -0.07 5.86 1.55
C ASN A 51 0.76 7.03 2.05
N VAL A 52 1.37 6.88 3.22
CA VAL A 52 2.18 7.93 3.84
C VAL A 52 3.49 7.33 4.29
N GLY A 53 4.45 8.20 4.57
CA GLY A 53 5.66 7.83 5.25
C GLY A 53 5.62 8.35 6.67
N TYR A 54 6.39 7.73 7.56
CA TYR A 54 6.39 8.11 8.97
C TYR A 54 7.84 8.13 9.46
N ASN A 55 8.26 9.28 9.98
CA ASN A 55 9.56 9.40 10.66
C ASN A 55 9.30 9.63 12.14
N PRO A 56 9.51 8.64 13.01
CA PRO A 56 9.20 8.82 14.43
C PRO A 56 10.06 9.88 15.09
N SER A 57 9.46 10.62 16.02
CA SER A 57 10.07 11.71 16.75
C SER A 57 9.99 11.43 18.25
N PRO A 58 10.92 11.99 19.04
CA PRO A 58 10.90 11.71 20.49
C PRO A 58 9.58 12.02 21.18
N GLY A 59 8.84 13.02 20.70
CA GLY A 59 7.59 13.38 21.34
C GLY A 59 6.37 12.56 20.96
N ASP A 60 6.53 11.52 20.14
CA ASP A 60 5.39 10.74 19.68
C ASP A 60 4.83 9.81 20.75
N GLU A 61 5.46 9.73 21.92
CA GLU A 61 5.01 8.88 23.03
C GLU A 61 4.86 7.42 22.59
N VAL A 62 5.92 6.89 21.99
CA VAL A 62 5.97 5.48 21.60
C VAL A 62 5.96 4.62 22.85
N PRO A 63 5.27 3.48 22.86
CA PRO A 63 5.26 2.63 24.06
C PRO A 63 6.64 2.29 24.59
N VAL A 64 7.64 2.15 23.72
CA VAL A 64 9.04 2.03 24.11
C VAL A 64 9.84 3.05 23.31
N GLN A 65 10.60 3.89 24.01
CA GLN A 65 11.34 4.95 23.36
C GLN A 65 12.30 4.39 22.32
N GLY A 66 12.23 4.94 21.10
CA GLY A 66 13.15 4.57 20.05
C GLY A 66 12.86 3.29 19.30
N VAL A 67 11.71 2.66 19.54
CA VAL A 67 11.40 1.39 18.89
C VAL A 67 10.16 1.53 18.03
N ALA A 68 9.89 2.74 17.54
CA ALA A 68 8.88 2.93 16.52
C ALA A 68 9.47 2.64 15.15
N ILE A 69 8.64 2.10 14.26
CA ILE A 69 9.07 1.69 12.93
C ILE A 69 9.03 2.88 11.99
N THR A 70 10.09 3.07 11.20
N THR A 70 10.11 3.08 11.23
CA THR A 70 10.12 4.09 10.17
CA THR A 70 10.16 4.05 10.16
C THR A 70 9.82 3.45 8.81
C THR A 70 9.74 3.39 8.85
N PHE A 71 8.88 4.05 8.07
CA PHE A 71 8.49 3.52 6.78
C PHE A 71 8.21 4.68 5.82
N GLU A 72 8.10 4.32 4.54
CA GLU A 72 7.95 5.28 3.45
C GLU A 72 6.62 5.04 2.74
N PRO A 73 6.16 5.97 1.91
CA PRO A 73 4.93 5.72 1.14
C PRO A 73 5.07 4.49 0.26
N LYS A 74 3.97 3.73 0.17
CA LYS A 74 3.83 2.51 -0.63
C LYS A 74 4.60 1.32 -0.03
N ASP A 75 5.11 1.45 1.19
CA ASP A 75 5.69 0.32 1.87
C ASP A 75 4.59 -0.64 2.34
N PHE A 76 4.99 -1.89 2.59
CA PHE A 76 4.10 -2.92 3.11
C PHE A 76 4.49 -3.26 4.54
N LEU A 77 3.49 -3.38 5.41
CA LEU A 77 3.69 -3.65 6.83
C LEU A 77 2.93 -4.91 7.24
N HIS A 78 3.60 -5.80 7.95
CA HIS A 78 2.98 -6.99 8.52
C HIS A 78 2.63 -6.71 9.97
N ILE A 79 1.35 -6.79 10.32
CA ILE A 79 0.86 -6.42 11.66
C ILE A 79 0.63 -7.69 12.47
N LYS A 80 1.17 -7.71 13.69
CA LYS A 80 1.07 -8.86 14.58
C LYS A 80 0.00 -8.70 15.66
N GLU A 81 -0.02 -7.57 16.36
CA GLU A 81 -0.93 -7.35 17.48
C GLU A 81 -1.38 -5.91 17.54
N LYS A 82 -2.49 -5.69 18.23
CA LYS A 82 -2.94 -4.36 18.61
C LYS A 82 -2.42 -4.08 20.02
N TYR A 83 -1.54 -3.08 20.15
CA TYR A 83 -1.05 -2.72 21.48
C TYR A 83 -2.08 -1.90 22.24
N ASN A 84 -2.50 -0.77 21.67
CA ASN A 84 -3.62 0.00 22.20
C ASN A 84 -4.25 0.77 21.04
N ASN A 85 -5.07 1.77 21.36
CA ASN A 85 -5.78 2.50 20.32
C ASN A 85 -4.83 3.31 19.43
N ASP A 86 -3.65 3.66 19.93
CA ASP A 86 -2.69 4.47 19.19
C ASP A 86 -1.61 3.66 18.50
N TRP A 87 -1.38 2.41 18.88
CA TRP A 87 -0.18 1.71 18.44
C TRP A 87 -0.47 0.25 18.13
N TRP A 88 0.14 -0.22 17.05
CA TRP A 88 0.17 -1.61 16.68
C TRP A 88 1.60 -2.14 16.82
N ILE A 89 1.72 -3.47 16.82
CA ILE A 89 3.02 -4.13 16.80
C ILE A 89 3.17 -4.84 15.46
N GLY A 90 4.20 -4.49 14.71
CA GLY A 90 4.43 -5.11 13.43
C GLY A 90 5.79 -4.76 12.88
N ARG A 91 6.01 -5.11 11.61
CA ARG A 91 7.32 -4.92 10.99
C ARG A 91 7.16 -4.50 9.55
N LEU A 92 8.13 -3.73 9.06
CA LEU A 92 8.22 -3.42 7.65
C LEU A 92 8.57 -4.68 6.89
N VAL A 93 7.90 -4.93 5.78
CA VAL A 93 8.17 -6.12 4.99
C VAL A 93 9.43 -5.89 4.18
N LYS A 94 10.58 -6.16 4.80
CA LYS A 94 11.88 -5.96 4.18
C LYS A 94 12.90 -6.74 4.98
N GLU A 95 13.87 -7.33 4.29
CA GLU A 95 14.94 -8.04 4.97
C GLU A 95 15.68 -7.11 5.92
N GLY A 96 16.02 -7.64 7.10
CA GLY A 96 16.71 -6.87 8.11
C GLY A 96 15.83 -6.03 9.01
N CYS A 97 14.52 -6.01 8.79
CA CYS A 97 13.61 -5.21 9.59
C CYS A 97 12.88 -6.10 10.59
N GLU A 98 12.92 -5.70 11.86
CA GLU A 98 12.34 -6.47 12.97
C GLU A 98 11.05 -5.81 13.45
N VAL A 99 10.33 -6.54 14.32
CA VAL A 99 9.05 -6.05 14.81
C VAL A 99 9.26 -4.81 15.66
N GLY A 100 8.31 -3.89 15.59
CA GLY A 100 8.35 -2.69 16.40
C GLY A 100 6.97 -2.12 16.55
N PHE A 101 6.91 -0.85 16.95
CA PHE A 101 5.64 -0.18 17.17
C PHE A 101 5.27 0.65 15.95
N ILE A 102 4.05 0.46 15.48
CA ILE A 102 3.54 1.12 14.27
C ILE A 102 2.34 1.96 14.68
N PRO A 103 2.27 3.23 14.30
CA PRO A 103 1.12 4.05 14.70
C PRO A 103 -0.15 3.61 14.01
N SER A 104 -1.25 3.56 14.77
CA SER A 104 -2.55 3.31 14.18
C SER A 104 -3.00 4.52 13.38
N PRO A 105 -3.99 4.34 12.50
CA PRO A 105 -4.53 5.53 11.79
C PRO A 105 -5.00 6.61 12.74
N VAL A 106 -5.51 6.25 13.92
CA VAL A 106 -5.90 7.27 14.90
C VAL A 106 -4.69 8.11 15.30
N LYS A 107 -3.57 7.45 15.59
CA LYS A 107 -2.37 8.17 16.03
C LYS A 107 -1.76 8.96 14.88
N LEU A 108 -1.70 8.36 13.68
CA LEU A 108 -1.09 9.02 12.54
C LEU A 108 -1.84 10.30 12.18
N ASP A 109 -3.16 10.28 12.25
CA ASP A 109 -3.93 11.46 11.89
C ASP A 109 -3.73 12.59 12.88
N SER A 110 -3.47 12.26 14.15
CA SER A 110 -3.20 13.32 15.12
C SER A 110 -1.80 13.90 14.92
N LEU A 111 -0.82 13.05 14.61
CA LEU A 111 0.53 13.53 14.34
C LEU A 111 0.55 14.40 13.09
N ARG A 112 -0.21 14.00 12.07
CA ARG A 112 -0.30 14.77 10.84
C ARG A 112 -0.89 16.16 11.10
N LEU A 113 -1.95 16.23 11.92
CA LEU A 113 -2.54 17.53 12.22
C LEU A 113 -1.59 18.41 13.01
N LEU A 114 -0.85 17.82 13.94
CA LEU A 114 0.13 18.59 14.72
C LEU A 114 1.20 19.18 13.82
N GLN A 115 1.67 18.41 12.84
CA GLN A 115 2.66 18.90 11.90
C GLN A 115 2.10 20.05 11.07
N GLU A 116 0.87 19.92 10.59
CA GLU A 116 0.27 20.97 9.77
C GLU A 116 0.08 22.26 10.55
N GLN A 117 -0.22 22.16 11.85
CA GLN A 117 -0.29 23.36 12.67
C GLN A 117 1.09 23.97 12.88
N THR A 118 2.09 23.13 13.09
CA THR A 118 3.45 23.63 13.31
C THR A 118 3.96 24.38 12.09
N LEU A 119 3.72 23.84 10.90
CA LEU A 119 4.21 24.42 9.65
C LEU A 119 3.20 25.38 9.01
N ARG A 120 2.09 25.67 9.70
CA ARG A 120 1.00 26.51 9.19
C ARG A 120 0.50 26.01 7.83
N GLN A 121 0.58 24.70 7.62
CA GLN A 121 -0.01 24.08 6.43
C GLN A 121 -1.39 23.53 6.73
N GLU A 161 -9.59 16.94 4.79
CA GLU A 161 -9.91 15.54 4.55
C GLU A 161 -8.78 14.84 3.79
N HIS A 162 -7.96 14.09 4.52
CA HIS A 162 -6.86 13.34 3.93
C HIS A 162 -7.30 11.92 3.59
N VAL A 163 -6.64 11.33 2.60
CA VAL A 163 -6.86 9.93 2.23
C VAL A 163 -6.32 9.09 3.38
N PRO A 164 -6.95 7.97 3.71
CA PRO A 164 -6.47 7.16 4.82
C PRO A 164 -5.03 6.72 4.61
N PRO A 165 -4.25 6.64 5.68
CA PRO A 165 -2.83 6.31 5.51
C PRO A 165 -2.55 4.85 5.18
N TYR A 166 -3.45 3.93 5.54
CA TYR A 166 -3.25 2.51 5.31
C TYR A 166 -4.35 1.93 4.45
N ASP A 167 -3.99 0.96 3.62
CA ASP A 167 -4.93 0.11 2.91
C ASP A 167 -4.63 -1.34 3.29
N VAL A 168 -5.67 -2.10 3.66
CA VAL A 168 -5.48 -3.52 3.95
C VAL A 168 -5.26 -4.27 2.65
N VAL A 169 -4.18 -5.05 2.59
CA VAL A 169 -3.78 -5.78 1.39
C VAL A 169 -3.48 -7.22 1.79
N PRO A 170 -3.38 -8.17 0.85
CA PRO A 170 -3.02 -9.54 1.23
C PRO A 170 -1.67 -9.60 1.90
N SER A 171 -1.50 -10.56 2.81
CA SER A 171 -0.26 -10.66 3.57
C SER A 171 0.91 -11.03 2.66
N MET A 172 0.62 -11.68 1.54
CA MET A 172 1.60 -11.92 0.47
C MET A 172 1.00 -11.38 -0.82
N ARG A 173 1.76 -10.54 -1.50
CA ARG A 173 1.29 -9.97 -2.76
C ARG A 173 1.11 -11.07 -3.80
N PRO A 174 -0.07 -11.20 -4.40
CA PRO A 174 -0.29 -12.29 -5.36
C PRO A 174 0.44 -12.04 -6.67
N ILE A 175 1.04 -13.09 -7.21
CA ILE A 175 1.76 -13.02 -8.48
C ILE A 175 0.77 -13.17 -9.62
N ILE A 176 0.86 -12.26 -10.59
CA ILE A 176 0.01 -12.28 -11.77
C ILE A 176 0.89 -12.07 -12.99
N LEU A 177 0.82 -12.99 -13.94
CA LEU A 177 1.62 -12.92 -15.16
C LEU A 177 0.86 -12.16 -16.25
N VAL A 178 1.56 -11.28 -16.94
CA VAL A 178 1.04 -10.61 -18.12
C VAL A 178 2.03 -10.82 -19.26
N GLY A 179 1.51 -10.98 -20.48
CA GLY A 179 2.34 -11.18 -21.63
C GLY A 179 2.60 -12.65 -21.91
N PRO A 180 3.18 -12.95 -23.08
CA PRO A 180 3.61 -12.01 -24.13
C PRO A 180 2.45 -11.39 -24.90
N SER A 181 1.29 -12.05 -24.92
CA SER A 181 0.13 -11.53 -25.62
C SER A 181 -1.16 -11.81 -24.85
N LEU A 182 -2.26 -11.98 -25.58
CA LEU A 182 -3.55 -12.19 -24.94
C LEU A 182 -3.66 -13.57 -24.32
N LYS A 183 -4.17 -13.62 -23.09
CA LYS A 183 -4.52 -14.91 -22.50
C LYS A 183 -5.72 -15.50 -23.24
N GLY A 184 -5.87 -16.82 -23.13
CA GLY A 184 -6.87 -17.54 -23.89
C GLY A 184 -6.40 -18.03 -25.24
N TYR A 185 -5.26 -17.54 -25.73
CA TYR A 185 -4.66 -18.01 -26.96
C TYR A 185 -3.46 -18.91 -26.63
N GLU A 186 -3.07 -19.73 -27.62
CA GLU A 186 -2.14 -20.83 -27.34
C GLU A 186 -0.76 -20.32 -26.97
N VAL A 187 -0.26 -19.27 -27.65
CA VAL A 187 1.12 -18.84 -27.44
C VAL A 187 1.31 -18.31 -26.02
N THR A 188 0.41 -17.43 -25.57
CA THR A 188 0.56 -16.88 -24.22
C THR A 188 0.21 -17.92 -23.18
N ASP A 189 -0.83 -18.73 -23.42
CA ASP A 189 -1.23 -19.73 -22.42
C ASP A 189 -0.13 -20.76 -22.22
N MET A 190 0.53 -21.18 -23.30
CA MET A 190 1.60 -22.16 -23.18
C MET A 190 2.79 -21.60 -22.42
N MET A 191 3.18 -20.35 -22.72
CA MET A 191 4.35 -19.78 -22.07
C MET A 191 4.08 -19.47 -20.60
N GLN A 192 2.85 -19.10 -20.25
CA GLN A 192 2.53 -18.85 -18.85
C GLN A 192 2.39 -20.16 -18.08
N LYS A 193 1.83 -21.20 -18.72
CA LYS A 193 1.78 -22.51 -18.08
C LYS A 193 3.18 -23.04 -17.82
N ALA A 194 4.13 -22.76 -18.72
CA ALA A 194 5.50 -23.16 -18.50
C ALA A 194 6.10 -22.46 -17.30
N LEU A 195 5.74 -21.19 -17.08
CA LEU A 195 6.27 -20.46 -15.94
C LEU A 195 5.61 -20.92 -14.63
N PHE A 196 4.32 -21.25 -14.69
CA PHE A 196 3.65 -21.77 -13.50
C PHE A 196 4.20 -23.14 -13.11
N ASP A 197 4.46 -23.99 -14.11
CA ASP A 197 5.02 -25.31 -13.82
C ASP A 197 6.39 -25.20 -13.17
N PHE A 198 7.22 -24.27 -13.64
CA PHE A 198 8.52 -24.06 -13.01
C PHE A 198 8.37 -23.61 -11.56
N LEU A 199 7.45 -22.67 -11.31
CA LEU A 199 7.27 -22.16 -9.96
C LEU A 199 6.77 -23.24 -9.02
N LYS A 200 5.90 -24.12 -9.51
CA LYS A 200 5.38 -25.19 -8.67
C LYS A 200 6.49 -26.14 -8.22
N HIS A 201 7.51 -26.34 -9.05
CA HIS A 201 8.61 -27.21 -8.68
C HIS A 201 9.67 -26.50 -7.86
N ARG A 202 10.06 -25.28 -8.26
CA ARG A 202 11.13 -24.57 -7.55
C ARG A 202 10.69 -24.18 -6.14
N PHE A 203 9.42 -23.84 -5.96
CA PHE A 203 8.90 -23.40 -4.67
C PHE A 203 7.89 -24.39 -4.10
N ASP A 204 8.09 -25.68 -4.34
CA ASP A 204 7.18 -26.70 -3.85
CA ASP A 204 7.18 -26.70 -3.85
C ASP A 204 7.09 -26.64 -2.32
N GLY A 205 5.87 -26.66 -1.81
CA GLY A 205 5.64 -26.52 -0.39
C GLY A 205 5.65 -25.09 0.11
N ARG A 206 5.96 -24.12 -0.76
CA ARG A 206 6.00 -22.72 -0.37
C ARG A 206 5.08 -21.84 -1.21
N ILE A 207 4.33 -22.41 -2.16
CA ILE A 207 3.56 -21.62 -3.11
C ILE A 207 2.19 -22.27 -3.30
N SER A 208 1.18 -21.41 -3.51
CA SER A 208 -0.16 -21.85 -3.88
C SER A 208 -0.49 -21.20 -5.21
N ILE A 209 -0.85 -22.03 -6.20
CA ILE A 209 -1.22 -21.58 -7.53
C ILE A 209 -2.69 -21.91 -7.73
N THR A 210 -3.50 -20.89 -8.00
CA THR A 210 -4.94 -21.05 -8.15
C THR A 210 -5.42 -20.29 -9.37
N ARG A 211 -6.50 -20.78 -9.96
CA ARG A 211 -7.12 -20.14 -11.11
C ARG A 211 -8.17 -19.14 -10.64
N VAL A 212 -8.23 -18.00 -11.32
CA VAL A 212 -9.23 -16.96 -11.04
C VAL A 212 -9.95 -16.67 -12.36
N THR A 213 -11.16 -17.22 -12.50
CA THR A 213 -11.95 -16.95 -13.69
C THR A 213 -12.81 -15.69 -13.56
N ALA A 214 -13.05 -15.21 -12.34
CA ALA A 214 -13.83 -14.00 -12.17
C ALA A 214 -13.03 -12.77 -12.59
N ASP A 215 -13.72 -11.78 -13.16
CA ASP A 215 -13.08 -10.54 -13.56
C ASP A 215 -12.72 -9.69 -12.36
N ILE A 216 -11.53 -9.93 -11.78
CA ILE A 216 -11.11 -9.17 -10.60
C ILE A 216 -10.69 -7.75 -10.94
N SER A 217 -10.62 -7.41 -12.24
CA SER A 217 -10.39 -6.02 -12.60
C SER A 217 -11.56 -5.12 -12.19
N LEU A 218 -12.76 -5.69 -12.10
CA LEU A 218 -13.94 -4.96 -11.68
C LEU A 218 -14.03 -4.76 -10.17
N ALA A 219 -12.93 -4.98 -9.46
CA ALA A 219 -12.91 -4.79 -8.01
C ALA A 219 -12.67 -3.33 -7.67
N HIS A 230 -18.35 2.08 -19.72
CA HIS A 230 -18.34 2.21 -18.26
C HIS A 230 -18.12 0.85 -17.60
N ILE A 231 -17.62 0.87 -16.36
CA ILE A 231 -17.51 -0.36 -15.60
C ILE A 231 -18.89 -0.84 -15.15
N ILE A 232 -19.85 0.09 -15.02
CA ILE A 232 -21.22 -0.30 -14.69
C ILE A 232 -21.76 -1.28 -15.72
N ILE A 233 -21.48 -1.02 -17.00
CA ILE A 233 -21.90 -1.94 -18.05
C ILE A 233 -21.14 -3.25 -17.96
N GLU A 234 -19.85 -3.19 -17.65
CA GLU A 234 -19.04 -4.40 -17.57
C GLU A 234 -19.49 -5.27 -16.40
N ARG A 235 -19.76 -4.66 -15.25
CA ARG A 235 -20.34 -5.39 -14.14
C ARG A 235 -21.74 -5.90 -14.47
N SER A 236 -22.43 -5.25 -15.41
CA SER A 236 -23.70 -5.77 -15.90
C SER A 236 -23.50 -6.90 -16.91
N ASN A 237 -22.39 -6.88 -17.65
CA ASN A 237 -22.03 -8.00 -18.50
C ASN A 237 -21.91 -9.27 -17.65
N THR A 238 -20.91 -9.30 -16.78
CA THR A 238 -20.77 -10.34 -15.76
C THR A 238 -19.81 -9.89 -14.66
N SER A 241 -20.69 -10.64 -11.72
CA SER A 241 -21.35 -10.44 -10.44
C SER A 241 -20.36 -9.94 -9.40
N LEU A 242 -20.60 -8.74 -8.86
CA LEU A 242 -19.71 -8.19 -7.85
C LEU A 242 -19.62 -9.10 -6.63
N ALA A 243 -20.67 -9.88 -6.37
CA ALA A 243 -20.61 -10.88 -5.31
C ALA A 243 -19.50 -11.89 -5.58
N GLU A 244 -19.46 -12.45 -6.80
CA GLU A 244 -18.44 -13.43 -7.13
C GLU A 244 -17.05 -12.80 -7.15
N VAL A 245 -16.94 -11.56 -7.64
CA VAL A 245 -15.65 -10.88 -7.65
C VAL A 245 -15.17 -10.64 -6.23
N GLN A 246 -16.03 -10.10 -5.37
CA GLN A 246 -15.65 -9.88 -3.98
C GLN A 246 -15.32 -11.19 -3.29
N SER A 247 -16.07 -12.25 -3.60
CA SER A 247 -15.78 -13.56 -3.03
C SER A 247 -14.40 -14.06 -3.43
N GLU A 248 -14.03 -13.86 -4.70
CA GLU A 248 -12.70 -14.27 -5.14
C GLU A 248 -11.62 -13.41 -4.49
N ILE A 249 -11.88 -12.11 -4.34
CA ILE A 249 -10.92 -11.23 -3.67
C ILE A 249 -10.63 -11.74 -2.26
N GLU A 250 -11.68 -12.02 -1.49
CA GLU A 250 -11.48 -12.51 -0.13
C GLU A 250 -10.81 -13.88 -0.12
N ARG A 251 -11.06 -14.71 -1.14
CA ARG A 251 -10.39 -16.00 -1.22
C ARG A 251 -8.89 -15.83 -1.44
N ILE A 252 -8.50 -14.84 -2.24
CA ILE A 252 -7.09 -14.57 -2.48
C ILE A 252 -6.43 -14.05 -1.20
N PHE A 253 -7.14 -13.20 -0.45
CA PHE A 253 -6.62 -12.77 0.85
C PHE A 253 -6.40 -13.97 1.76
N GLU A 254 -7.33 -14.93 1.76
CA GLU A 254 -7.22 -16.08 2.65
C GLU A 254 -6.05 -16.97 2.29
N LEU A 255 -5.80 -17.17 0.98
CA LEU A 255 -4.70 -18.02 0.55
C LEU A 255 -3.34 -17.49 1.03
N ALA A 256 -3.21 -16.18 1.19
CA ALA A 256 -1.96 -15.57 1.60
C ALA A 256 -1.84 -15.40 3.12
N ARG A 257 -2.81 -15.91 3.89
CA ARG A 257 -2.85 -15.64 5.32
C ARG A 257 -1.65 -16.25 6.04
N THR A 258 -1.28 -17.49 5.70
CA THR A 258 -0.17 -18.17 6.35
C THR A 258 1.18 -17.85 5.71
N LEU A 259 1.24 -16.80 4.88
CA LEU A 259 2.48 -16.28 4.30
C LEU A 259 3.08 -17.19 3.23
N GLN A 260 2.30 -18.11 2.68
CA GLN A 260 2.76 -18.85 1.51
C GLN A 260 2.69 -17.95 0.28
N LEU A 261 3.61 -18.19 -0.65
CA LEU A 261 3.56 -17.49 -1.93
C LEU A 261 2.25 -17.82 -2.64
N VAL A 262 1.69 -16.82 -3.32
CA VAL A 262 0.41 -16.97 -4.01
C VAL A 262 0.60 -16.55 -5.47
N ALA A 263 0.26 -17.43 -6.39
CA ALA A 263 0.31 -17.16 -7.83
C ALA A 263 -1.09 -17.35 -8.41
N LEU A 264 -1.54 -16.37 -9.18
CA LEU A 264 -2.89 -16.38 -9.75
C LEU A 264 -2.82 -16.57 -11.26
N ASP A 265 -3.67 -17.45 -11.77
CA ASP A 265 -3.91 -17.56 -13.21
C ASP A 265 -5.17 -16.77 -13.51
N ALA A 266 -5.02 -15.46 -13.60
CA ALA A 266 -6.14 -14.54 -13.80
C ALA A 266 -6.39 -14.37 -15.30
N ASP A 267 -7.51 -14.92 -15.77
CA ASP A 267 -7.79 -14.95 -17.21
C ASP A 267 -8.03 -13.56 -17.78
N THR A 268 -8.69 -12.68 -17.02
CA THR A 268 -9.11 -11.38 -17.52
C THR A 268 -8.06 -10.29 -17.38
N ILE A 269 -6.89 -10.59 -16.81
CA ILE A 269 -5.86 -9.59 -16.55
C ILE A 269 -4.79 -9.75 -17.62
N ASN A 270 -4.81 -8.87 -18.61
CA ASN A 270 -3.79 -8.87 -19.65
C ASN A 270 -2.88 -7.64 -19.61
N HIS A 271 -3.19 -6.66 -18.76
CA HIS A 271 -2.47 -5.40 -18.70
C HIS A 271 -2.46 -4.94 -17.26
N PRO A 272 -1.33 -4.40 -16.77
CA PRO A 272 -1.27 -4.01 -15.35
C PRO A 272 -2.21 -2.89 -14.96
N ALA A 273 -2.68 -2.08 -15.92
CA ALA A 273 -3.62 -1.01 -15.59
C ALA A 273 -4.99 -1.53 -15.20
N GLN A 274 -5.29 -2.80 -15.51
CA GLN A 274 -6.60 -3.35 -15.18
C GLN A 274 -6.74 -3.66 -13.71
N LEU A 275 -5.63 -3.76 -12.98
N LEU A 275 -5.64 -3.76 -12.96
CA LEU A 275 -5.63 -4.10 -11.57
CA LEU A 275 -5.71 -4.06 -11.54
C LEU A 275 -4.76 -3.16 -10.74
C LEU A 275 -4.95 -3.06 -10.67
N SER A 276 -4.51 -1.94 -11.24
CA SER A 276 -3.67 -1.00 -10.49
C SER A 276 -4.45 -0.32 -9.37
N LYS A 277 -5.77 -0.16 -9.53
CA LYS A 277 -6.59 0.56 -8.57
C LYS A 277 -7.20 -0.33 -7.50
N THR A 278 -6.79 -1.60 -7.44
CA THR A 278 -7.34 -2.51 -6.45
C THR A 278 -6.49 -2.53 -5.20
N SER A 279 -7.00 -3.19 -4.16
CA SER A 279 -6.26 -3.43 -2.93
C SER A 279 -5.57 -4.79 -2.94
N LEU A 280 -5.55 -5.47 -4.09
CA LEU A 280 -4.85 -6.75 -4.17
C LEU A 280 -3.33 -6.57 -4.15
N ALA A 281 -2.84 -5.39 -4.53
CA ALA A 281 -1.42 -5.09 -4.55
C ALA A 281 -0.56 -6.20 -5.18
N PRO A 282 -0.87 -6.61 -6.41
CA PRO A 282 -0.22 -7.81 -6.96
C PRO A 282 1.23 -7.55 -7.35
N ILE A 283 1.96 -8.65 -7.50
CA ILE A 283 3.28 -8.64 -8.12
C ILE A 283 3.07 -8.93 -9.61
N ILE A 284 3.25 -7.92 -10.45
CA ILE A 284 3.01 -8.06 -11.89
C ILE A 284 4.28 -8.53 -12.56
N VAL A 285 4.22 -9.69 -13.21
CA VAL A 285 5.37 -10.27 -13.89
C VAL A 285 5.11 -10.18 -15.40
N TYR A 286 6.02 -9.52 -16.11
CA TYR A 286 5.88 -9.24 -17.53
C TYR A 286 6.75 -10.22 -18.31
N ILE A 287 6.11 -11.20 -18.96
CA ILE A 287 6.80 -12.08 -19.91
C ILE A 287 6.83 -11.36 -21.25
N LYS A 288 8.00 -10.87 -21.65
CA LYS A 288 8.12 -9.97 -22.79
C LYS A 288 8.86 -10.66 -23.93
N ILE A 289 8.19 -10.80 -25.07
CA ILE A 289 8.84 -11.15 -26.33
C ILE A 289 9.11 -9.84 -27.07
N THR A 290 10.37 -9.42 -27.11
CA THR A 290 10.70 -8.10 -27.62
C THR A 290 10.60 -8.00 -29.14
N SER A 291 10.64 -9.13 -29.85
CA SER A 291 10.63 -9.11 -31.31
C SER A 291 9.23 -9.42 -31.82
N PRO A 292 8.56 -8.49 -32.51
CA PRO A 292 7.25 -8.81 -33.09
C PRO A 292 7.30 -9.94 -34.11
N LYS A 293 8.43 -10.12 -34.79
CA LYS A 293 8.54 -11.20 -35.77
C LYS A 293 8.50 -12.57 -35.10
N VAL A 294 9.19 -12.72 -33.96
CA VAL A 294 9.20 -14.00 -33.25
C VAL A 294 7.81 -14.36 -32.77
N LEU A 295 7.03 -13.36 -32.36
CA LEU A 295 5.66 -13.63 -31.93
C LEU A 295 4.82 -14.15 -33.11
N GLN A 296 4.93 -13.49 -34.26
CA GLN A 296 4.24 -13.96 -35.46
C GLN A 296 4.66 -15.39 -35.81
N ARG A 297 5.94 -15.68 -35.68
CA ARG A 297 6.43 -17.03 -35.94
C ARG A 297 5.76 -18.06 -35.01
N LEU A 298 5.62 -17.70 -33.74
CA LEU A 298 5.06 -18.64 -32.77
C LEU A 298 3.55 -18.78 -32.94
N ILE A 299 2.87 -17.70 -33.31
CA ILE A 299 1.42 -17.76 -33.49
C ILE A 299 1.07 -18.70 -34.64
N LYS A 300 1.79 -18.60 -35.75
CA LYS A 300 1.54 -19.45 -36.91
C LYS A 300 2.41 -20.70 -36.85
N HIS A 309 -5.98 -15.48 -35.18
CA HIS A 309 -6.18 -14.09 -34.82
C HIS A 309 -4.86 -13.42 -34.45
N LEU A 310 -4.01 -13.22 -35.46
CA LEU A 310 -2.72 -12.57 -35.23
C LEU A 310 -2.89 -11.10 -34.91
N ASN A 311 -3.90 -10.44 -35.49
CA ASN A 311 -4.02 -8.99 -35.39
C ASN A 311 -4.25 -8.55 -33.95
N VAL A 312 -5.19 -9.19 -33.26
CA VAL A 312 -5.48 -8.81 -31.89
C VAL A 312 -4.31 -9.16 -30.98
N GLN A 313 -3.55 -10.20 -31.32
CA GLN A 313 -2.44 -10.63 -30.47
C GLN A 313 -1.23 -9.71 -30.61
N ILE A 314 -0.89 -9.33 -31.83
CA ILE A 314 0.28 -8.47 -32.05
C ILE A 314 0.03 -7.08 -31.50
N ALA A 315 -1.24 -6.65 -31.44
CA ALA A 315 -1.54 -5.28 -31.06
C ALA A 315 -1.31 -5.04 -29.57
N ALA A 316 -1.74 -5.97 -28.72
CA ALA A 316 -1.58 -5.78 -27.28
C ALA A 316 -0.15 -6.06 -26.82
N SER A 317 0.58 -6.91 -27.53
CA SER A 317 2.01 -7.05 -27.25
C SER A 317 2.73 -5.74 -27.53
N GLU A 318 2.31 -5.03 -28.58
CA GLU A 318 2.76 -3.66 -28.78
C GLU A 318 2.28 -2.76 -27.65
N LYS A 319 1.04 -2.96 -27.20
CA LYS A 319 0.50 -2.17 -26.10
C LYS A 319 1.29 -2.39 -24.81
N LEU A 320 1.61 -3.65 -24.50
CA LEU A 320 2.38 -3.94 -23.30
C LEU A 320 3.77 -3.32 -23.36
N ALA A 321 4.37 -3.27 -24.56
CA ALA A 321 5.67 -2.64 -24.71
C ALA A 321 5.60 -1.14 -24.50
N GLN A 322 4.45 -0.53 -24.81
CA GLN A 322 4.28 0.91 -24.60
C GLN A 322 4.12 1.27 -23.13
N CYS A 323 3.79 0.30 -22.29
CA CYS A 323 3.51 0.58 -20.89
C CYS A 323 4.75 1.13 -20.19
N PRO A 324 4.60 2.14 -19.33
CA PRO A 324 5.76 2.62 -18.56
C PRO A 324 6.33 1.51 -17.70
N PRO A 325 7.66 1.45 -17.57
CA PRO A 325 8.27 0.27 -16.94
C PRO A 325 7.98 0.14 -15.46
N GLU A 326 7.69 1.25 -14.77
CA GLU A 326 7.43 1.15 -13.33
C GLU A 326 6.09 0.50 -13.02
N MET A 327 5.26 0.23 -14.04
CA MET A 327 4.00 -0.44 -13.81
C MET A 327 4.15 -1.94 -13.65
N PHE A 328 5.33 -2.49 -13.92
CA PHE A 328 5.63 -3.90 -13.70
C PHE A 328 6.58 -4.05 -12.52
N ASP A 329 6.45 -5.15 -11.79
CA ASP A 329 7.39 -5.46 -10.73
C ASP A 329 8.59 -6.24 -11.25
N ILE A 330 8.37 -7.13 -12.21
CA ILE A 330 9.44 -7.87 -12.89
C ILE A 330 9.19 -7.79 -14.38
N ILE A 331 10.24 -7.52 -15.14
CA ILE A 331 10.21 -7.63 -16.60
C ILE A 331 11.14 -8.78 -16.97
N LEU A 332 10.56 -9.86 -17.48
CA LEU A 332 11.33 -11.02 -17.93
C LEU A 332 11.54 -10.88 -19.44
N ASP A 333 12.66 -10.26 -19.81
CA ASP A 333 13.01 -10.07 -21.22
C ASP A 333 14.29 -10.81 -21.58
N GLU A 334 14.72 -11.76 -20.76
CA GLU A 334 15.93 -12.52 -21.04
C GLU A 334 15.76 -13.30 -22.34
N ASN A 335 16.86 -13.43 -23.09
CA ASN A 335 16.80 -14.10 -24.39
C ASN A 335 16.62 -15.60 -24.27
N GLN A 336 16.95 -16.19 -23.11
CA GLN A 336 16.77 -17.60 -22.88
C GLN A 336 15.72 -17.82 -21.79
N LEU A 337 14.86 -18.81 -22.01
CA LEU A 337 13.75 -19.05 -21.08
C LEU A 337 14.26 -19.50 -19.72
N GLU A 338 15.32 -20.32 -19.69
CA GLU A 338 15.87 -20.77 -18.42
C GLU A 338 16.42 -19.62 -17.60
N ASP A 339 17.04 -18.64 -18.28
CA ASP A 339 17.55 -17.47 -17.58
C ASP A 339 16.41 -16.61 -17.04
N ALA A 340 15.29 -16.56 -17.76
CA ALA A 340 14.13 -15.83 -17.25
C ALA A 340 13.55 -16.51 -16.02
N CYS A 341 13.50 -17.85 -16.01
CA CYS A 341 13.00 -18.56 -14.85
C CYS A 341 13.90 -18.33 -13.64
N GLU A 342 15.21 -18.34 -13.84
CA GLU A 342 16.12 -18.07 -12.73
C GLU A 342 15.97 -16.64 -12.23
N HIS A 343 15.75 -15.70 -13.15
CA HIS A 343 15.52 -14.31 -12.74
C HIS A 343 14.29 -14.19 -11.86
N LEU A 344 13.20 -14.84 -12.26
CA LEU A 344 11.98 -14.82 -11.45
C LEU A 344 12.18 -15.54 -10.13
N ALA A 345 12.91 -16.66 -10.16
CA ALA A 345 13.15 -17.41 -8.93
C ALA A 345 13.96 -16.59 -7.93
N GLU A 346 14.99 -15.88 -8.42
CA GLU A 346 15.80 -15.05 -7.52
C GLU A 346 14.97 -13.94 -6.89
N TYR A 347 14.08 -13.32 -7.68
CA TYR A 347 13.21 -12.27 -7.14
C TYR A 347 12.28 -12.82 -6.06
N LEU A 348 11.72 -14.02 -6.29
CA LEU A 348 10.74 -14.56 -5.34
C LEU A 348 11.42 -15.09 -4.08
N GLU A 349 12.66 -15.60 -4.20
CA GLU A 349 13.40 -16.01 -3.02
C GLU A 349 13.72 -14.80 -2.14
N ALA A 350 14.01 -13.65 -2.76
CA ALA A 350 14.23 -12.44 -1.98
C ALA A 350 12.94 -11.98 -1.30
N TYR A 351 11.80 -12.10 -1.99
CA TYR A 351 10.52 -11.79 -1.37
C TYR A 351 10.21 -12.76 -0.24
N TRP A 352 10.54 -14.03 -0.41
CA TRP A 352 10.34 -15.00 0.66
C TRP A 352 11.16 -14.65 1.89
N LYS A 353 12.42 -14.26 1.69
CA LYS A 353 13.25 -13.84 2.81
C LYS A 353 12.66 -12.61 3.49
N ALA A 354 12.17 -11.64 2.71
CA ALA A 354 11.65 -10.42 3.29
C ALA A 354 10.39 -10.67 4.12
N THR A 355 9.63 -11.71 3.80
CA THR A 355 8.40 -12.03 4.51
C THR A 355 8.58 -13.11 5.57
N HIS A 356 9.73 -13.79 5.59
CA HIS A 356 10.01 -14.84 6.58
C HIS A 356 11.35 -14.57 7.24
N PRO A 357 11.42 -13.56 8.13
CA PRO A 357 12.69 -13.27 8.79
C PRO A 357 13.09 -14.40 9.72
N PRO A 358 14.39 -14.57 9.97
CA PRO A 358 14.83 -15.66 10.85
C PRO A 358 14.28 -15.57 12.26
N SER A 359 13.98 -14.37 12.74
CA SER A 359 13.46 -14.20 14.11
C SER A 359 12.01 -14.66 14.25
N SER A 360 11.31 -14.88 13.15
CA SER A 360 9.90 -15.27 13.21
C SER A 360 9.69 -16.78 13.28
N THR A 361 10.73 -17.58 13.07
CA THR A 361 10.56 -19.03 13.01
C THR A 361 10.69 -19.75 14.36
N PRO A 362 11.35 -19.18 15.39
CA PRO A 362 11.37 -20.02 16.60
C PRO A 362 10.03 -20.11 17.30
N GLN B 2 -14.62 10.32 21.89
CA GLN B 2 -15.51 9.16 21.90
C GLN B 2 -16.52 9.23 20.76
N VAL B 3 -16.49 8.21 19.90
CA VAL B 3 -17.36 8.15 18.73
C VAL B 3 -18.69 7.51 19.12
N GLN B 4 -19.78 8.19 18.80
CA GLN B 4 -21.12 7.65 19.00
C GLN B 4 -21.65 7.10 17.68
N LEU B 5 -22.25 5.92 17.75
CA LEU B 5 -22.78 5.24 16.57
C LEU B 5 -24.28 5.01 16.74
N GLN B 6 -25.02 5.13 15.64
CA GLN B 6 -26.48 4.97 15.66
C GLN B 6 -26.88 4.17 14.42
N GLU B 7 -27.37 2.95 14.62
CA GLU B 7 -27.89 2.14 13.53
C GLU B 7 -29.33 2.52 13.21
N SER B 8 -29.75 2.18 12.00
CA SER B 8 -31.14 2.36 11.61
C SER B 8 -31.43 1.46 10.42
N GLY B 9 -32.72 1.21 10.19
CA GLY B 9 -33.16 0.40 9.07
C GLY B 9 -33.80 -0.92 9.45
N GLY B 10 -33.74 -1.31 10.72
CA GLY B 10 -34.35 -2.55 11.13
C GLY B 10 -35.86 -2.53 11.03
N GLY B 11 -36.44 -3.73 10.99
CA GLY B 11 -37.88 -3.86 10.87
C GLY B 11 -38.25 -5.29 10.51
N LEU B 12 -39.50 -5.44 10.09
CA LEU B 12 -40.05 -6.74 9.69
C LEU B 12 -39.96 -6.86 8.17
N VAL B 13 -39.20 -7.86 7.70
CA VAL B 13 -38.95 -8.04 6.28
C VAL B 13 -39.32 -9.48 5.90
N GLN B 14 -39.21 -9.77 4.60
CA GLN B 14 -39.61 -11.07 4.08
C GLN B 14 -38.43 -11.76 3.42
N ALA B 15 -38.45 -13.09 3.48
CA ALA B 15 -37.39 -13.89 2.87
C ALA B 15 -37.35 -13.63 1.37
N GLY B 16 -36.14 -13.48 0.84
CA GLY B 16 -35.93 -13.18 -0.56
C GLY B 16 -35.88 -11.71 -0.89
N GLY B 17 -36.30 -10.84 0.04
CA GLY B 17 -36.26 -9.41 -0.18
C GLY B 17 -34.87 -8.85 0.05
N SER B 18 -34.78 -7.52 -0.01
CA SER B 18 -33.55 -6.80 0.22
C SER B 18 -33.77 -5.75 1.30
N LEU B 19 -32.75 -5.54 2.12
CA LEU B 19 -32.79 -4.55 3.20
C LEU B 19 -31.44 -3.85 3.29
N ARG B 20 -31.48 -2.52 3.48
CA ARG B 20 -30.27 -1.72 3.58
C ARG B 20 -30.21 -1.10 4.97
N LEU B 21 -29.25 -1.53 5.78
CA LEU B 21 -29.01 -0.93 7.08
C LEU B 21 -27.94 0.14 6.97
N SER B 22 -28.00 1.12 7.86
CA SER B 22 -27.02 2.20 7.87
C SER B 22 -26.64 2.51 9.31
N CYS B 23 -25.46 3.11 9.46
CA CYS B 23 -24.99 3.53 10.77
C CYS B 23 -24.26 4.85 10.62
N VAL B 24 -24.68 5.86 11.38
CA VAL B 24 -24.08 7.19 11.33
C VAL B 24 -23.21 7.36 12.57
N ALA B 25 -22.01 7.90 12.36
CA ALA B 25 -21.04 8.13 13.42
C ALA B 25 -20.90 9.61 13.73
N SER B 26 -20.67 9.93 15.00
CA SER B 26 -20.33 11.28 15.40
C SER B 26 -18.83 11.51 15.24
N GLY B 27 -18.37 12.68 15.66
CA GLY B 27 -16.95 13.00 15.63
C GLY B 27 -16.44 13.33 14.24
N ARG B 28 -15.19 13.79 14.20
CA ARG B 28 -14.53 14.20 12.97
C ARG B 28 -13.42 13.25 12.55
N THR B 29 -13.34 12.07 13.14
CA THR B 29 -12.28 11.10 12.85
C THR B 29 -12.86 9.78 12.36
N PHE B 30 -13.96 9.86 11.60
CA PHE B 30 -14.61 8.66 11.10
C PHE B 30 -13.65 7.81 10.27
N SER B 31 -12.90 8.45 9.36
CA SER B 31 -12.00 7.73 8.45
C SER B 31 -10.83 7.07 9.18
N SER B 32 -10.59 7.38 10.45
CA SER B 32 -9.51 6.73 11.17
C SER B 32 -9.90 5.37 11.73
N TYR B 33 -11.14 4.94 11.53
CA TYR B 33 -11.63 3.71 12.14
C TYR B 33 -12.08 2.73 11.07
N ALA B 34 -11.73 1.47 11.25
CA ALA B 34 -12.36 0.40 10.48
C ALA B 34 -13.75 0.13 11.05
N MSE B 35 -14.71 -0.09 10.17
CA MSE B 35 -16.09 -0.25 10.60
C MSE B 35 -16.52 -1.73 10.46
O MSE B 35 -16.19 -2.40 9.47
CB MSE B 35 -17.00 0.66 9.79
CG MSE B 35 -16.84 2.17 10.02
SE MSE B 35 -16.61 2.75 11.88
CE MSE B 35 -18.49 2.57 12.41
N GLY B 36 -17.25 -2.24 11.45
CA GLY B 36 -17.71 -3.61 11.42
C GLY B 36 -19.19 -3.72 11.74
N TRP B 37 -19.81 -4.79 11.23
CA TRP B 37 -21.18 -5.15 11.54
C TRP B 37 -21.19 -6.50 12.24
N PHE B 38 -21.94 -6.59 13.33
CA PHE B 38 -22.12 -7.83 14.08
C PHE B 38 -23.61 -8.07 14.25
N ARG B 39 -23.99 -9.34 14.43
CA ARG B 39 -25.40 -9.68 14.60
C ARG B 39 -25.55 -10.68 15.74
N GLN B 40 -26.73 -10.65 16.35
CA GLN B 40 -26.93 -11.29 17.65
C GLN B 40 -28.25 -12.03 17.67
N ALA B 41 -28.19 -13.34 17.88
CA ALA B 41 -29.39 -14.11 18.16
C ALA B 41 -29.82 -13.88 19.61
N PRO B 42 -31.10 -14.05 19.93
CA PRO B 42 -31.57 -13.74 21.28
C PRO B 42 -30.90 -14.63 22.33
N GLY B 43 -30.35 -14.00 23.36
CA GLY B 43 -29.67 -14.71 24.42
C GLY B 43 -28.27 -15.17 24.10
N LYS B 44 -27.76 -14.90 22.90
CA LYS B 44 -26.43 -15.34 22.49
C LYS B 44 -25.50 -14.15 22.35
N GLU B 45 -24.21 -14.45 22.26
CA GLU B 45 -23.20 -13.43 22.02
C GLU B 45 -23.18 -13.06 20.55
N ARG B 46 -22.92 -11.78 20.27
CA ARG B 46 -22.91 -11.29 18.90
C ARG B 46 -21.77 -11.92 18.10
N GLU B 47 -21.98 -12.06 16.79
CA GLU B 47 -21.02 -12.71 15.91
C GLU B 47 -20.73 -11.82 14.70
N PHE B 48 -19.54 -12.01 14.14
CA PHE B 48 -19.07 -11.16 13.04
C PHE B 48 -19.93 -11.33 11.80
N VAL B 49 -20.18 -10.23 11.10
CA VAL B 49 -20.90 -10.26 9.82
C VAL B 49 -20.00 -9.73 8.71
N ALA B 50 -19.48 -8.52 8.86
CA ALA B 50 -18.67 -7.90 7.83
C ALA B 50 -17.86 -6.76 8.43
N ALA B 51 -16.73 -6.46 7.79
CA ALA B 51 -15.89 -5.33 8.17
C ALA B 51 -15.37 -4.66 6.91
N ILE B 52 -15.13 -3.35 7.02
CA ILE B 52 -14.64 -2.55 5.90
C ILE B 52 -13.49 -1.68 6.40
N ASP B 53 -12.41 -1.62 5.62
CA ASP B 53 -11.23 -0.90 6.05
C ASP B 53 -11.44 0.62 5.90
N TRP B 54 -10.37 1.38 6.13
CA TRP B 54 -10.52 2.82 6.34
C TRP B 54 -10.98 3.54 5.08
N SER B 55 -10.37 3.24 3.94
CA SER B 55 -10.77 3.87 2.68
C SER B 55 -11.98 3.19 2.05
N GLY B 56 -12.37 2.02 2.53
CA GLY B 56 -13.42 1.25 1.90
C GLY B 56 -12.98 0.38 0.75
N GLY B 57 -11.67 0.30 0.49
CA GLY B 57 -11.16 -0.52 -0.60
C GLY B 57 -11.05 -2.00 -0.30
N THR B 58 -11.12 -2.39 0.96
CA THR B 58 -11.01 -3.79 1.36
C THR B 58 -12.14 -4.13 2.32
N ALA B 59 -12.80 -5.26 2.08
CA ALA B 59 -13.86 -5.71 2.95
C ALA B 59 -13.74 -7.21 3.18
N SER B 60 -14.26 -7.66 4.32
CA SER B 60 -14.32 -9.06 4.68
C SER B 60 -15.74 -9.40 5.10
N HIS B 61 -16.22 -10.57 4.69
CA HIS B 61 -17.59 -10.99 4.97
C HIS B 61 -17.59 -12.38 5.58
N ALA B 62 -18.50 -12.60 6.52
CA ALA B 62 -18.67 -13.93 7.09
C ALA B 62 -19.12 -14.91 6.02
N ASP B 63 -18.75 -16.19 6.23
CA ASP B 63 -19.06 -17.22 5.24
C ASP B 63 -20.56 -17.31 4.97
N SER B 64 -21.39 -17.18 6.01
CA SER B 64 -22.82 -17.38 5.85
C SER B 64 -23.49 -16.26 5.08
N VAL B 65 -22.85 -15.11 4.92
CA VAL B 65 -23.44 -13.97 4.23
C VAL B 65 -22.68 -13.60 2.96
N LYS B 66 -21.69 -14.40 2.57
CA LYS B 66 -20.91 -14.10 1.38
C LYS B 66 -21.81 -14.10 0.14
N GLY B 67 -21.65 -13.08 -0.70
CA GLY B 67 -22.44 -12.94 -1.89
C GLY B 67 -23.83 -12.36 -1.69
N ARG B 68 -24.36 -12.42 -0.46
CA ARG B 68 -25.68 -11.87 -0.15
C ARG B 68 -25.61 -10.50 0.50
N PHE B 69 -24.65 -10.30 1.41
CA PHE B 69 -24.50 -9.03 2.13
C PHE B 69 -23.29 -8.29 1.59
N THR B 70 -23.38 -6.96 1.58
CA THR B 70 -22.30 -6.11 1.10
C THR B 70 -22.16 -4.93 2.05
N ILE B 71 -20.99 -4.81 2.67
CA ILE B 71 -20.68 -3.67 3.52
C ILE B 71 -20.05 -2.58 2.67
N SER B 72 -20.39 -1.33 2.95
CA SER B 72 -19.77 -0.20 2.28
C SER B 72 -19.76 0.98 3.25
N ARG B 73 -19.07 2.05 2.85
CA ARG B 73 -18.99 3.24 3.66
C ARG B 73 -18.79 4.45 2.76
N ASP B 74 -19.21 5.63 3.22
CA ASP B 74 -18.73 6.87 2.63
C ASP B 74 -18.26 7.77 3.76
N ASN B 75 -16.99 8.13 3.72
CA ASN B 75 -16.39 8.95 4.76
C ASN B 75 -16.88 10.38 4.75
N ALA B 76 -17.53 10.81 3.66
CA ALA B 76 -18.05 12.18 3.57
C ALA B 76 -19.33 12.36 4.39
N LYS B 77 -20.13 11.30 4.59
CA LYS B 77 -21.32 11.41 5.43
C LYS B 77 -21.17 10.70 6.76
N ASN B 78 -19.98 10.19 7.10
CA ASN B 78 -19.75 9.48 8.36
C ASN B 78 -20.70 8.29 8.50
N THR B 79 -20.94 7.58 7.40
CA THR B 79 -21.97 6.56 7.35
C THR B 79 -21.41 5.23 6.86
N VAL B 80 -21.88 4.15 7.48
CA VAL B 80 -21.60 2.77 7.05
C VAL B 80 -22.91 2.15 6.61
N TYR B 81 -22.84 1.30 5.59
CA TYR B 81 -24.02 0.63 5.07
C TYR B 81 -23.82 -0.88 5.07
N LEU B 82 -24.92 -1.62 5.22
CA LEU B 82 -24.92 -3.07 5.05
C LEU B 82 -26.09 -3.41 4.12
N GLN B 83 -25.78 -3.67 2.85
CA GLN B 83 -26.78 -4.06 1.87
C GLN B 83 -27.03 -5.55 2.01
N MSE B 84 -28.24 -5.92 2.44
CA MSE B 84 -28.59 -7.33 2.62
C MSE B 84 -29.60 -7.80 1.58
O MSE B 84 -30.78 -7.45 1.66
CB MSE B 84 -29.13 -7.55 4.04
CG MSE B 84 -28.54 -6.59 5.06
SE MSE B 84 -29.36 -6.63 6.84
CE MSE B 84 -29.41 -8.53 7.22
N ASN B 85 -29.14 -8.61 0.63
CA ASN B 85 -29.98 -9.19 -0.39
C ASN B 85 -30.20 -10.66 -0.11
N SER B 86 -31.21 -11.23 -0.78
CA SER B 86 -31.60 -12.63 -0.63
C SER B 86 -31.77 -13.00 0.84
N LEU B 87 -32.57 -12.21 1.54
CA LEU B 87 -32.78 -12.43 2.97
C LEU B 87 -33.33 -13.82 3.22
N LYS B 88 -32.75 -14.51 4.19
CA LYS B 88 -33.22 -15.81 4.65
C LYS B 88 -33.70 -15.70 6.08
N PRO B 89 -34.59 -16.60 6.52
CA PRO B 89 -35.05 -16.55 7.92
C PRO B 89 -33.90 -16.61 8.92
N GLU B 90 -32.78 -17.25 8.57
CA GLU B 90 -31.63 -17.34 9.46
C GLU B 90 -30.94 -15.99 9.68
N ASP B 91 -31.31 -14.95 8.94
CA ASP B 91 -30.72 -13.63 9.13
C ASP B 91 -31.40 -12.83 10.24
N THR B 92 -32.44 -13.38 10.87
CA THR B 92 -33.13 -12.70 11.96
C THR B 92 -32.19 -12.51 13.13
N ALA B 93 -31.96 -11.26 13.52
CA ALA B 93 -31.02 -10.95 14.60
C ALA B 93 -31.09 -9.46 14.87
N VAL B 94 -30.44 -9.06 15.96
CA VAL B 94 -30.14 -7.65 16.20
C VAL B 94 -28.78 -7.36 15.59
N TYR B 95 -28.71 -6.33 14.75
CA TYR B 95 -27.49 -5.98 14.03
C TYR B 95 -26.84 -4.76 14.67
N TYR B 96 -25.53 -4.86 14.94
CA TYR B 96 -24.78 -3.81 15.60
C TYR B 96 -23.65 -3.33 14.69
N CYS B 97 -23.42 -2.02 14.67
CA CYS B 97 -22.26 -1.46 14.01
CA CYS B 97 -22.27 -1.41 14.00
C CYS B 97 -21.23 -1.05 15.05
N ALA B 98 -19.95 -1.20 14.70
CA ALA B 98 -18.88 -0.92 15.64
C ALA B 98 -17.68 -0.32 14.91
N ALA B 99 -16.87 0.43 15.65
CA ALA B 99 -15.69 1.10 15.12
C ALA B 99 -14.44 0.58 15.83
N SER B 100 -13.39 0.35 15.04
CA SER B 100 -12.13 -0.15 15.60
C SER B 100 -10.96 0.63 15.00
N SER B 101 -9.97 0.93 15.85
CA SER B 101 -8.70 1.47 15.38
C SER B 101 -7.80 0.39 14.81
N TYR B 102 -8.21 -0.86 14.87
CA TYR B 102 -7.50 -2.04 14.40
C TYR B 102 -8.25 -2.66 13.22
N TRP B 103 -7.68 -3.70 12.63
CA TRP B 103 -8.36 -4.48 11.59
C TRP B 103 -8.63 -5.87 12.19
N SER B 104 -9.90 -6.21 12.31
CA SER B 104 -10.23 -7.39 13.11
C SER B 104 -11.67 -7.80 12.89
N ARG B 105 -11.94 -9.06 13.20
CA ARG B 105 -13.31 -9.53 13.30
C ARG B 105 -13.65 -10.00 14.71
N SER B 106 -12.78 -9.73 15.69
CA SER B 106 -13.03 -10.10 17.07
C SER B 106 -13.73 -8.97 17.81
N VAL B 107 -14.76 -9.31 18.59
CA VAL B 107 -15.55 -8.30 19.28
C VAL B 107 -14.68 -7.48 20.22
N ASP B 108 -13.74 -8.13 20.91
CA ASP B 108 -12.95 -7.46 21.93
C ASP B 108 -12.03 -6.39 21.37
N GLU B 109 -11.76 -6.40 20.06
CA GLU B 109 -10.82 -5.44 19.48
C GLU B 109 -11.52 -4.24 18.86
N TYR B 110 -12.83 -4.12 19.01
CA TYR B 110 -13.57 -2.94 18.63
C TYR B 110 -13.73 -2.02 19.84
N ASP B 111 -13.74 -0.71 19.58
CA ASP B 111 -13.67 0.30 20.62
C ASP B 111 -14.99 1.00 20.89
N TYR B 112 -15.84 1.17 19.88
CA TYR B 112 -17.11 1.87 20.01
C TYR B 112 -18.20 1.05 19.37
N TRP B 113 -19.39 1.09 19.97
CA TRP B 113 -20.51 0.26 19.55
C TRP B 113 -21.79 1.10 19.45
N GLY B 114 -22.63 0.75 18.49
CA GLY B 114 -23.99 1.27 18.46
C GLY B 114 -24.90 0.46 19.37
N GLN B 115 -26.14 0.93 19.44
N GLN B 115 -26.15 0.92 19.45
CA GLN B 115 -27.16 0.28 20.25
CA GLN B 115 -27.14 0.24 20.28
C GLN B 115 -27.80 -0.90 19.55
C GLN B 115 -27.85 -0.89 19.55
N GLY B 116 -27.68 -1.00 18.23
CA GLY B 116 -28.22 -2.11 17.48
C GLY B 116 -29.57 -1.78 16.84
N THR B 117 -29.91 -2.56 15.82
CA THR B 117 -31.20 -2.47 15.15
C THR B 117 -31.70 -3.87 14.83
N GLN B 118 -32.97 -4.11 15.10
CA GLN B 118 -33.54 -5.46 15.05
C GLN B 118 -34.09 -5.76 13.67
N VAL B 119 -33.71 -6.91 13.12
CA VAL B 119 -34.19 -7.36 11.82
C VAL B 119 -34.89 -8.69 12.01
N THR B 120 -36.15 -8.78 11.60
CA THR B 120 -36.92 -10.01 11.66
C THR B 120 -37.32 -10.39 10.24
N VAL B 121 -36.91 -11.57 9.80
CA VAL B 121 -37.18 -12.05 8.46
C VAL B 121 -38.28 -13.08 8.53
N SER B 122 -39.47 -12.72 8.04
CA SER B 122 -40.58 -13.66 8.03
C SER B 122 -40.37 -14.69 6.93
N SER B 123 -40.61 -15.96 7.27
CA SER B 123 -40.47 -17.06 6.32
C SER B 123 -41.76 -17.28 5.55
N GLY C 1 25.31 30.38 9.79
CA GLY C 1 25.01 29.57 8.61
C GLY C 1 25.73 28.25 8.64
N GLN C 2 25.13 27.25 9.28
CA GLN C 2 25.77 25.97 9.45
C GLN C 2 25.50 25.02 8.28
N VAL C 3 24.30 25.06 7.72
CA VAL C 3 23.95 24.16 6.62
C VAL C 3 24.35 24.80 5.30
N GLN C 4 25.07 24.05 4.47
CA GLN C 4 25.51 24.53 3.17
C GLN C 4 25.36 23.42 2.14
N LEU C 5 24.77 23.76 0.99
CA LEU C 5 24.62 22.84 -0.13
C LEU C 5 25.47 23.38 -1.28
N GLN C 6 26.56 22.68 -1.60
CA GLN C 6 27.45 23.08 -2.67
C GLN C 6 27.18 22.23 -3.91
N GLU C 7 26.94 22.88 -5.04
CA GLU C 7 26.56 22.22 -6.27
C GLU C 7 27.69 22.33 -7.30
N SER C 8 27.77 21.33 -8.16
CA SER C 8 28.81 21.29 -9.19
C SER C 8 28.36 20.39 -10.33
N GLY C 9 28.91 20.64 -11.51
CA GLY C 9 28.69 19.80 -12.68
C GLY C 9 27.86 20.43 -13.78
N GLY C 10 27.51 21.71 -13.67
CA GLY C 10 26.73 22.36 -14.71
C GLY C 10 27.58 22.64 -15.94
N GLY C 11 27.00 23.47 -16.82
CA GLY C 11 27.69 23.90 -18.01
C GLY C 11 26.77 23.84 -19.21
N SER C 12 27.37 23.88 -20.39
CA SER C 12 26.65 23.86 -21.66
C SER C 12 26.97 22.58 -22.42
N VAL C 13 25.96 22.01 -23.07
CA VAL C 13 26.10 20.80 -23.86
C VAL C 13 25.25 20.92 -25.11
N GLN C 14 25.64 20.18 -26.14
CA GLN C 14 24.83 20.08 -27.35
C GLN C 14 23.67 19.14 -27.11
N ALA C 15 22.55 19.41 -27.80
CA ALA C 15 21.35 18.62 -27.62
C ALA C 15 21.61 17.15 -27.91
N GLY C 16 20.85 16.29 -27.22
CA GLY C 16 21.18 14.88 -27.18
C GLY C 16 22.33 14.53 -26.28
N GLY C 17 22.96 15.51 -25.62
CA GLY C 17 24.14 15.31 -24.80
C GLY C 17 23.77 14.88 -23.39
N SER C 18 24.80 14.77 -22.57
CA SER C 18 24.66 14.32 -21.18
C SER C 18 25.50 15.21 -20.28
N LEU C 19 25.15 15.21 -18.99
CA LEU C 19 25.84 15.93 -17.96
C LEU C 19 25.59 15.26 -16.62
N ARG C 20 26.47 15.51 -15.66
CA ARG C 20 26.34 15.01 -14.30
C ARG C 20 26.40 16.18 -13.33
N LEU C 21 25.31 16.37 -12.57
CA LEU C 21 25.26 17.31 -11.46
C LEU C 21 25.41 16.60 -10.11
N SER C 22 25.99 17.33 -9.17
CA SER C 22 26.27 16.81 -7.84
C SER C 22 26.05 17.91 -6.82
N CYS C 23 25.64 17.51 -5.62
CA CYS C 23 25.42 18.45 -4.51
C CYS C 23 25.90 17.80 -3.23
N ALA C 24 26.82 18.47 -2.53
CA ALA C 24 27.36 17.99 -1.26
C ALA C 24 26.79 18.84 -0.13
N ALA C 25 26.12 18.19 0.81
CA ALA C 25 25.51 18.87 1.95
C ALA C 25 26.45 18.82 3.15
N SER C 26 26.46 19.91 3.93
CA SER C 26 27.28 19.99 5.13
C SER C 26 26.52 20.75 6.20
N GLY C 27 26.89 20.47 7.47
CA GLY C 27 26.29 21.10 8.63
C GLY C 27 25.38 20.16 9.41
N ARG C 28 24.78 19.18 8.74
CA ARG C 28 23.93 18.18 9.36
C ARG C 28 24.14 16.87 8.60
N THR C 29 23.81 15.75 9.25
CA THR C 29 23.95 14.49 8.54
C THR C 29 22.76 14.18 7.65
N PHE C 30 21.61 14.83 7.90
CA PHE C 30 20.43 14.74 7.01
C PHE C 30 20.06 13.29 6.72
N SER C 31 20.10 12.45 7.77
CA SER C 31 19.95 11.01 7.58
C SER C 31 18.52 10.62 7.26
N LYS C 32 17.54 11.36 7.78
CA LYS C 32 16.13 11.08 7.54
C LYS C 32 15.49 12.11 6.63
N ASN C 33 16.27 12.83 5.83
CA ASN C 33 15.76 13.87 4.96
C ASN C 33 15.81 13.46 3.50
N ALA C 34 14.79 13.85 2.76
CA ALA C 34 14.80 13.70 1.32
C ALA C 34 15.77 14.71 0.71
N MET C 35 16.15 14.46 -0.53
CA MET C 35 17.00 15.38 -1.26
C MET C 35 16.58 15.34 -2.72
N GLY C 36 16.52 16.52 -3.34
CA GLY C 36 15.95 16.60 -4.67
C GLY C 36 16.53 17.77 -5.45
N TRP C 37 16.05 17.90 -6.68
CA TRP C 37 16.49 18.93 -7.60
C TRP C 37 15.29 19.64 -8.18
N PHE C 38 15.33 20.96 -8.19
CA PHE C 38 14.36 21.80 -8.87
C PHE C 38 15.09 22.61 -9.93
N ARG C 39 14.35 23.11 -10.91
CA ARG C 39 14.94 23.95 -11.95
C ARG C 39 14.01 25.11 -12.26
N GLN C 40 14.62 26.20 -12.74
CA GLN C 40 13.89 27.42 -13.06
C GLN C 40 14.45 28.02 -14.33
N ALA C 41 13.59 28.15 -15.34
CA ALA C 41 13.91 28.75 -16.62
C ALA C 41 13.53 30.22 -16.64
N PRO C 42 14.15 31.02 -17.52
CA PRO C 42 13.80 32.44 -17.60
C PRO C 42 12.34 32.63 -18.00
N GLY C 43 11.60 33.35 -17.16
CA GLY C 43 10.19 33.60 -17.39
C GLY C 43 9.26 32.47 -17.01
N LYS C 44 9.78 31.32 -16.62
CA LYS C 44 8.98 30.19 -16.18
C LYS C 44 9.07 30.04 -14.68
N GLU C 45 7.99 29.57 -14.07
CA GLU C 45 8.01 29.31 -12.64
C GLU C 45 8.91 28.12 -12.33
N ARG C 46 9.41 28.09 -11.10
CA ARG C 46 10.24 26.96 -10.68
C ARG C 46 9.47 25.66 -10.77
N GLU C 47 10.18 24.58 -11.10
CA GLU C 47 9.54 23.31 -11.35
C GLU C 47 10.38 22.17 -10.80
N PHE C 48 9.69 21.13 -10.35
CA PHE C 48 10.34 19.95 -9.80
C PHE C 48 11.00 19.13 -10.90
N VAL C 49 12.11 18.48 -10.56
CA VAL C 49 12.82 17.64 -11.50
C VAL C 49 12.88 16.21 -11.00
N VAL C 50 13.47 16.00 -9.83
CA VAL C 50 13.74 14.66 -9.31
C VAL C 50 13.97 14.76 -7.82
N ALA C 51 13.67 13.67 -7.10
CA ALA C 51 13.95 13.60 -5.67
C ALA C 51 14.22 12.14 -5.30
N ILE C 52 14.95 11.96 -4.19
CA ILE C 52 15.29 10.65 -3.67
C ILE C 52 14.97 10.62 -2.18
N SER C 53 14.43 9.49 -1.71
CA SER C 53 14.10 9.33 -0.31
C SER C 53 15.36 9.28 0.55
N TRP C 54 15.17 9.49 1.85
CA TRP C 54 16.29 9.43 2.79
C TRP C 54 17.00 8.09 2.72
N SER C 55 16.25 7.01 2.45
CA SER C 55 16.83 5.68 2.41
C SER C 55 17.49 5.36 1.07
N GLY C 56 17.22 6.16 0.04
CA GLY C 56 17.65 5.82 -1.30
C GLY C 56 16.82 4.75 -1.97
N ARG C 57 15.85 4.16 -1.26
CA ARG C 57 15.02 3.10 -1.83
C ARG C 57 14.00 3.62 -2.82
N ASN C 58 13.63 4.90 -2.74
CA ASN C 58 12.55 5.44 -3.57
C ASN C 58 13.02 6.70 -4.28
N THR C 59 12.75 6.77 -5.58
CA THR C 59 13.06 7.93 -6.40
C THR C 59 11.79 8.41 -7.08
N TYR C 60 11.73 9.72 -7.35
CA TYR C 60 10.55 10.35 -7.92
C TYR C 60 10.99 11.33 -9.00
N TYR C 61 10.56 11.08 -10.24
CA TYR C 61 10.95 11.88 -11.39
C TYR C 61 9.74 12.61 -11.96
N ALA C 62 9.95 13.83 -12.43
CA ALA C 62 8.94 14.49 -13.25
C ALA C 62 8.82 13.77 -14.58
N ASP C 63 7.61 13.76 -15.14
CA ASP C 63 7.35 13.06 -16.39
C ASP C 63 8.25 13.57 -17.51
N SER C 64 8.56 14.87 -17.51
CA SER C 64 9.38 15.47 -18.56
C SER C 64 10.80 14.93 -18.58
N VAL C 65 11.26 14.25 -17.54
CA VAL C 65 12.63 13.75 -17.47
C VAL C 65 12.70 12.26 -17.20
N LYS C 66 11.57 11.57 -17.04
CA LYS C 66 11.59 10.15 -16.76
C LYS C 66 12.30 9.39 -17.87
N GLY C 67 13.20 8.49 -17.49
CA GLY C 67 13.99 7.72 -18.44
C GLY C 67 15.27 8.39 -18.87
N ARG C 68 15.31 9.71 -18.91
CA ARG C 68 16.51 10.43 -19.34
C ARG C 68 17.40 10.82 -18.17
N PHE C 69 16.83 11.02 -16.98
CA PHE C 69 17.59 11.46 -15.81
C PHE C 69 17.57 10.35 -14.76
N THR C 70 18.64 10.29 -13.95
CA THR C 70 18.75 9.34 -12.87
C THR C 70 19.42 9.99 -11.67
N ILE C 71 18.87 9.77 -10.48
CA ILE C 71 19.38 10.35 -9.25
C ILE C 71 19.97 9.23 -8.38
N SER C 72 21.03 9.57 -7.64
CA SER C 72 21.67 8.67 -6.71
C SER C 72 22.10 9.46 -5.49
N ARG C 73 22.46 8.75 -4.42
CA ARG C 73 22.72 9.39 -3.13
C ARG C 73 23.73 8.59 -2.34
N ASP C 74 24.74 9.28 -1.81
CA ASP C 74 25.74 8.68 -0.91
C ASP C 74 25.68 9.45 0.41
N ASN C 75 25.01 8.86 1.41
CA ASN C 75 24.78 9.55 2.67
C ASN C 75 26.05 9.66 3.51
N ALA C 76 26.93 8.65 3.42
CA ALA C 76 28.21 8.73 4.13
C ALA C 76 28.97 9.99 3.76
N LYS C 77 28.97 10.34 2.48
CA LYS C 77 29.58 11.57 1.99
C LYS C 77 28.59 12.74 1.94
N ASN C 78 27.31 12.48 2.24
CA ASN C 78 26.27 13.52 2.24
C ASN C 78 26.16 14.19 0.87
N THR C 79 26.07 13.37 -0.17
CA THR C 79 26.08 13.84 -1.55
C THR C 79 24.94 13.22 -2.34
N VAL C 80 24.47 13.96 -3.35
CA VAL C 80 23.49 13.48 -4.32
C VAL C 80 24.06 13.76 -5.70
N ASP C 81 23.82 12.84 -6.64
CA ASP C 81 24.25 13.02 -8.03
C ASP C 81 23.05 12.86 -8.96
N LEU C 82 23.02 13.67 -10.02
CA LEU C 82 21.95 13.67 -11.01
C LEU C 82 22.57 13.49 -12.39
N GLN C 83 22.43 12.29 -12.95
CA GLN C 83 22.91 12.00 -14.29
C GLN C 83 21.81 12.37 -15.28
N MET C 84 22.05 13.36 -16.14
CA MET C 84 21.07 13.76 -17.14
C MET C 84 21.61 13.37 -18.51
N ASN C 85 20.87 12.51 -19.21
CA ASN C 85 21.23 12.05 -20.53
C ASN C 85 20.17 12.48 -21.52
N SER C 86 20.55 12.46 -22.80
CA SER C 86 19.66 12.82 -23.89
C SER C 86 19.03 14.19 -23.67
N LEU C 87 19.87 15.15 -23.26
CA LEU C 87 19.40 16.47 -22.89
C LEU C 87 18.76 17.20 -24.07
N LYS C 88 17.70 17.94 -23.78
CA LYS C 88 16.92 18.69 -24.76
C LYS C 88 16.95 20.17 -24.42
N PRO C 89 16.63 21.06 -25.38
CA PRO C 89 16.69 22.51 -25.06
C PRO C 89 15.72 22.92 -23.98
N GLU C 90 14.56 22.26 -23.88
CA GLU C 90 13.63 22.53 -22.80
C GLU C 90 14.19 22.22 -21.42
N ASP C 91 15.33 21.53 -21.36
CA ASP C 91 16.01 21.26 -20.09
C ASP C 91 16.94 22.40 -19.67
N SER C 92 17.01 23.47 -20.44
CA SER C 92 17.88 24.59 -20.13
C SER C 92 17.28 25.41 -19.00
N ALA C 93 18.00 25.52 -17.89
CA ALA C 93 17.56 26.27 -16.72
C ALA C 93 18.67 26.26 -15.70
N VAL C 94 18.46 27.01 -14.63
CA VAL C 94 19.30 26.93 -13.45
C VAL C 94 18.75 25.84 -12.55
N TYR C 95 19.60 24.89 -12.16
CA TYR C 95 19.20 23.74 -11.37
C TYR C 95 19.62 23.95 -9.92
N TYR C 96 18.69 23.72 -8.99
CA TYR C 96 18.91 23.92 -7.55
C TYR C 96 18.74 22.61 -6.82
N CYS C 97 19.72 22.25 -6.01
N CYS C 97 19.73 22.25 -5.98
CA CYS C 97 19.48 21.12 -5.14
CA CYS C 97 19.63 21.11 -5.08
C CYS C 97 18.84 21.61 -3.85
C CYS C 97 19.00 21.56 -3.76
N ALA C 98 18.17 20.69 -3.17
CA ALA C 98 17.41 21.03 -1.97
C ALA C 98 17.31 19.82 -1.07
N VAL C 99 17.29 20.10 0.24
CA VAL C 99 17.13 19.08 1.28
C VAL C 99 15.73 19.20 1.84
N GLY C 100 15.04 18.07 1.94
CA GLY C 100 13.68 18.08 2.46
C GLY C 100 13.64 18.42 3.94
N GLY C 101 12.48 18.95 4.34
CA GLY C 101 12.26 19.25 5.74
C GLY C 101 12.20 17.99 6.58
N ASP C 102 12.18 18.20 7.90
CA ASP C 102 12.12 17.10 8.86
C ASP C 102 10.68 16.61 8.98
N TRP C 103 10.22 15.96 7.91
CA TRP C 103 8.85 15.48 7.84
C TRP C 103 8.59 14.41 8.88
N ARG C 104 7.47 14.53 9.60
CA ARG C 104 7.03 13.50 10.52
C ARG C 104 6.07 12.53 9.85
N VAL C 105 5.07 13.06 9.15
CA VAL C 105 4.15 12.27 8.34
C VAL C 105 4.03 12.96 6.99
N TYR C 106 4.23 12.21 5.91
CA TYR C 106 4.31 12.80 4.58
C TYR C 106 3.79 11.82 3.55
N ASP C 107 3.29 12.36 2.45
CA ASP C 107 2.90 11.55 1.30
C ASP C 107 3.83 11.85 0.12
N ILE C 108 3.58 11.17 -1.00
CA ILE C 108 4.46 11.29 -2.15
C ILE C 108 4.49 12.73 -2.67
N SER C 109 3.39 13.47 -2.50
CA SER C 109 3.34 14.85 -3.00
C SER C 109 4.33 15.77 -2.29
N PHE C 110 4.80 15.40 -1.10
CA PHE C 110 5.82 16.21 -0.43
C PHE C 110 7.08 16.33 -1.28
N TYR C 111 7.44 15.24 -1.97
CA TYR C 111 8.66 15.24 -2.76
C TYR C 111 8.61 16.24 -3.90
N TYR C 112 7.40 16.52 -4.41
CA TYR C 112 7.22 17.36 -5.58
C TYR C 112 6.99 18.83 -5.23
N THR C 113 6.92 19.16 -3.95
CA THR C 113 6.48 20.47 -3.50
C THR C 113 7.65 21.24 -2.88
N ALA C 114 7.96 22.40 -3.46
CA ALA C 114 9.16 23.13 -3.06
C ALA C 114 9.07 23.64 -1.63
N HIS C 115 7.87 24.04 -1.18
CA HIS C 115 7.78 24.57 0.17
C HIS C 115 7.94 23.50 1.24
N GLN C 116 8.03 22.23 0.86
CA GLN C 116 8.34 21.16 1.79
C GLN C 116 9.84 20.91 1.91
N TYR C 117 10.66 21.67 1.20
CA TYR C 117 12.11 21.55 1.27
C TYR C 117 12.67 22.70 2.08
N GLU C 118 13.58 22.39 3.00
CA GLU C 118 14.01 23.37 3.99
C GLU C 118 15.28 24.12 3.58
N TYR C 119 16.25 23.43 2.98
CA TYR C 119 17.54 24.03 2.66
C TYR C 119 17.81 23.91 1.16
N TRP C 120 18.50 24.92 0.62
CA TRP C 120 18.66 25.05 -0.82
C TRP C 120 20.09 25.41 -1.17
N GLY C 121 20.52 24.96 -2.36
CA GLY C 121 21.76 25.42 -2.94
C GLY C 121 21.58 26.70 -3.74
N GLN C 122 22.70 27.28 -4.18
CA GLN C 122 22.66 28.56 -4.88
C GLN C 122 22.29 28.41 -6.34
N GLY C 123 22.42 27.22 -6.91
CA GLY C 123 22.03 27.00 -8.29
C GLY C 123 23.23 26.84 -9.20
N THR C 124 23.02 26.06 -10.26
CA THR C 124 24.03 25.86 -11.30
C THR C 124 23.35 25.93 -12.65
N GLN C 125 24.01 26.60 -13.60
CA GLN C 125 23.42 26.82 -14.91
C GLN C 125 23.59 25.60 -15.81
N VAL C 126 22.54 25.31 -16.57
CA VAL C 126 22.55 24.24 -17.57
C VAL C 126 21.85 24.78 -18.81
N THR C 127 22.56 24.79 -19.94
CA THR C 127 22.03 25.33 -21.19
C THR C 127 22.03 24.25 -22.26
N VAL C 128 20.86 24.04 -22.87
CA VAL C 128 20.62 23.07 -23.95
C VAL C 128 21.49 21.82 -23.88
S SO4 D . -7.93 -24.10 -8.48
O1 SO4 D . -7.27 -23.74 -9.73
O2 SO4 D . -6.98 -23.94 -7.37
O3 SO4 D . -9.07 -23.22 -8.26
O4 SO4 D . -8.38 -25.48 -8.55
C1 MPD E . -21.05 -16.71 10.29
C2 MPD E . -19.93 -17.61 9.78
O2 MPD E . -20.23 -18.01 8.43
CM MPD E . -19.85 -18.84 10.67
C3 MPD E . -18.61 -16.85 9.81
C4 MPD E . -17.42 -17.71 9.36
O4 MPD E . -16.83 -17.10 8.24
C5 MPD E . -16.38 -17.86 10.46
S SO4 F . -23.20 -9.56 23.96
O1 SO4 F . -23.05 -9.57 22.51
O2 SO4 F . -22.07 -8.85 24.56
O3 SO4 F . -24.44 -8.88 24.32
O4 SO4 F . -23.23 -10.93 24.46
S SO4 G . 20.18 14.95 11.26
O1 SO4 G . 20.85 15.80 10.28
O2 SO4 G . 19.96 13.63 10.68
O3 SO4 G . 21.02 14.83 12.45
O4 SO4 G . 18.90 15.53 11.62
S SO4 H . 5.30 25.28 -3.53
O1 SO4 H . 6.14 24.41 -2.71
O2 SO4 H . 6.15 26.19 -4.30
O3 SO4 H . 4.42 26.05 -2.65
O4 SO4 H . 4.49 24.48 -4.45
#